data_5EPR
#
_entry.id   5EPR
#
_cell.length_a   60.920
_cell.length_b   60.920
_cell.length_c   63.020
_cell.angle_alpha   90.00
_cell.angle_beta   90.00
_cell.angle_gamma   120.00
#
_symmetry.space_group_name_H-M   'P 32 2 1'
#
loop_
_entity.id
_entity.type
_entity.pdbx_description
1 polymer Peregrin
2 non-polymer (3~{S})-3-methyl-3,4-dihydro-1~{H}-quinoxalin-2-one
3 non-polymer 'NITRATE ION'
4 water water
#
_entity_poly.entity_id   1
_entity_poly.type   'polypeptide(L)'
_entity_poly.pdbx_seq_one_letter_code
;SMEMQLTPFLILLRKTLEQLQEKDTGNIFSEPVPLSEVPDYLDHIKKPMDFFTMKQNLEAYRYLNFDDFEEDFNLIVSNC
LKYNAKDTIFYRAAVRLREQGGAVLRQARRQAEKMG
;
_entity_poly.pdbx_strand_id   A
#
# COMPACT_ATOMS: atom_id res chain seq x y z
N MET A 4 -15.28 9.08 -17.16
CA MET A 4 -15.32 7.95 -16.24
C MET A 4 -16.14 8.29 -14.99
N GLN A 5 -16.89 7.30 -14.50
CA GLN A 5 -17.80 7.47 -13.39
C GLN A 5 -17.11 7.15 -12.07
N LEU A 6 -17.44 7.91 -11.03
CA LEU A 6 -16.68 7.85 -9.78
C LEU A 6 -16.96 6.56 -9.01
N THR A 7 -18.24 6.21 -8.83
CA THR A 7 -18.58 5.06 -8.00
C THR A 7 -17.95 3.76 -8.48
N PRO A 8 -18.03 3.36 -9.76
CA PRO A 8 -17.36 2.12 -10.16
C PRO A 8 -15.85 2.15 -9.95
N PHE A 9 -15.23 3.34 -10.07
CA PHE A 9 -13.80 3.45 -9.86
C PHE A 9 -13.44 3.19 -8.40
N LEU A 10 -14.20 3.77 -7.47
CA LEU A 10 -13.91 3.51 -6.06
C LEU A 10 -14.18 2.06 -5.70
N ILE A 11 -15.21 1.46 -6.29
CA ILE A 11 -15.46 0.03 -6.08
C ILE A 11 -14.24 -0.78 -6.50
N LEU A 12 -13.65 -0.43 -7.63
CA LEU A 12 -12.44 -1.11 -8.08
C LEU A 12 -11.27 -0.89 -7.12
N LEU A 13 -11.07 0.35 -6.66
CA LEU A 13 -9.99 0.58 -5.71
C LEU A 13 -10.20 -0.20 -4.41
N ARG A 14 -11.45 -0.32 -3.96
CA ARG A 14 -11.71 -1.06 -2.74
C ARG A 14 -11.33 -2.53 -2.91
N LYS A 15 -11.71 -3.11 -4.04
CA LYS A 15 -11.38 -4.51 -4.34
C LYS A 15 -9.87 -4.71 -4.45
N THR A 16 -9.19 -3.77 -5.11
CA THR A 16 -7.74 -3.85 -5.28
C THR A 16 -7.03 -3.77 -3.94
N LEU A 17 -7.47 -2.84 -3.08
CA LEU A 17 -6.89 -2.74 -1.75
C LEU A 17 -7.05 -4.03 -0.97
N GLU A 18 -8.23 -4.67 -1.08
CA GLU A 18 -8.43 -5.96 -0.43
C GLU A 18 -7.47 -7.01 -0.97
N GLN A 19 -7.26 -7.02 -2.31
CA GLN A 19 -6.36 -8.00 -2.90
C GLN A 19 -4.93 -7.78 -2.45
N LEU A 20 -4.53 -6.51 -2.30
CA LEU A 20 -3.20 -6.22 -1.80
C LEU A 20 -3.04 -6.67 -0.35
N GLN A 21 -4.03 -6.39 0.49
CA GLN A 21 -3.96 -6.85 1.87
C GLN A 21 -3.87 -8.36 1.96
N GLU A 22 -4.52 -9.08 1.03
CA GLU A 22 -4.46 -10.56 1.06
C GLU A 22 -3.04 -11.06 0.84
N LYS A 23 -2.22 -10.33 0.08
CA LYS A 23 -0.82 -10.68 -0.13
C LYS A 23 0.05 -10.44 1.10
N ASP A 24 -0.41 -9.61 2.03
CA ASP A 24 0.29 -9.32 3.28
C ASP A 24 -0.25 -10.27 4.34
N THR A 25 0.22 -11.52 4.28
CA THR A 25 -0.39 -12.56 5.11
C THR A 25 -0.08 -12.34 6.59
N GLY A 26 1.11 -11.84 6.91
CA GLY A 26 1.40 -11.53 8.30
C GLY A 26 0.71 -10.30 8.82
N ASN A 27 0.00 -9.56 7.95
CA ASN A 27 -0.66 -8.31 8.33
C ASN A 27 0.35 -7.33 8.92
N ILE A 28 1.58 -7.32 8.40
CA ILE A 28 2.56 -6.42 8.98
C ILE A 28 2.42 -5.01 8.44
N PHE A 29 1.63 -4.83 7.38
CA PHE A 29 1.38 -3.54 6.77
C PHE A 29 -0.06 -3.07 6.96
N SER A 30 -0.83 -3.77 7.80
CA SER A 30 -2.24 -3.45 7.94
CA SER A 30 -2.25 -3.46 7.96
C SER A 30 -2.47 -2.14 8.67
N GLU A 31 -1.60 -1.77 9.59
CA GLU A 31 -1.76 -0.59 10.43
C GLU A 31 -0.45 0.18 10.50
N PRO A 32 -0.48 1.44 10.93
CA PRO A 32 0.77 2.21 11.00
C PRO A 32 1.83 1.53 11.87
N VAL A 33 3.10 1.77 11.51
CA VAL A 33 4.20 1.24 12.32
C VAL A 33 4.14 1.86 13.72
N PRO A 34 4.14 1.07 14.79
CA PRO A 34 4.03 1.66 16.14
C PRO A 34 5.24 2.48 16.55
N LEU A 35 5.09 3.81 16.58
CA LEU A 35 6.19 4.66 17.02
C LEU A 35 6.60 4.36 18.47
N SER A 36 5.74 3.69 19.24
CA SER A 36 6.10 3.32 20.60
C SER A 36 7.25 2.33 20.62
N GLU A 37 7.20 1.33 19.74
CA GLU A 37 8.24 0.31 19.67
C GLU A 37 9.41 0.73 18.80
N VAL A 38 9.20 1.68 17.89
CA VAL A 38 10.23 2.13 16.95
C VAL A 38 10.38 3.64 17.09
N PRO A 39 10.92 4.13 18.20
CA PRO A 39 10.88 5.59 18.46
C PRO A 39 11.69 6.42 17.49
N ASP A 40 12.62 5.83 16.75
CA ASP A 40 13.43 6.55 15.77
C ASP A 40 12.86 6.49 14.37
N TYR A 41 11.68 5.88 14.19
CA TYR A 41 11.19 5.58 12.85
C TYR A 41 11.00 6.83 12.00
N LEU A 42 10.59 7.94 12.61
CA LEU A 42 10.35 9.15 11.84
C LEU A 42 11.62 9.91 11.48
N ASP A 43 12.78 9.48 11.98
CA ASP A 43 14.01 10.22 11.71
C ASP A 43 14.30 10.32 10.22
N HIS A 44 14.03 9.25 9.46
CA HIS A 44 14.28 9.24 8.02
C HIS A 44 13.10 8.75 7.20
N ILE A 45 11.99 8.35 7.82
CA ILE A 45 10.76 8.02 7.11
C ILE A 45 9.89 9.27 7.15
N LYS A 46 9.87 10.03 6.05
CA LYS A 46 9.17 11.30 6.06
C LYS A 46 7.68 11.17 5.80
N LYS A 47 7.21 10.03 5.29
CA LYS A 47 5.78 9.80 5.11
C LYS A 47 5.44 8.35 5.36
N PRO A 48 5.12 8.00 6.61
CA PRO A 48 4.67 6.63 6.88
C PRO A 48 3.39 6.33 6.12
N MET A 49 3.20 5.05 5.81
CA MET A 49 2.00 4.62 5.10
C MET A 49 1.71 3.16 5.46
N ASP A 50 0.44 2.79 5.34
CA ASP A 50 -0.08 1.48 5.71
C ASP A 50 -1.46 1.31 5.07
N PHE A 51 -1.97 0.08 5.10
CA PHE A 51 -3.24 -0.19 4.41
C PHE A 51 -4.44 0.46 5.10
N PHE A 52 -4.43 0.55 6.44
CA PHE A 52 -5.55 1.21 7.12
C PHE A 52 -5.63 2.67 6.70
N THR A 53 -4.48 3.35 6.68
CA THR A 53 -4.43 4.73 6.21
C THR A 53 -4.91 4.83 4.76
N MET A 54 -4.54 3.87 3.92
CA MET A 54 -4.97 3.90 2.53
C MET A 54 -6.48 3.78 2.41
N LYS A 55 -7.09 2.92 3.22
CA LYS A 55 -8.55 2.80 3.23
C LYS A 55 -9.20 4.13 3.60
N GLN A 56 -8.64 4.83 4.59
N GLN A 56 -8.66 4.80 4.62
CA GLN A 56 -9.22 6.11 4.99
CA GLN A 56 -9.17 6.11 5.01
C GLN A 56 -9.03 7.15 3.90
C GLN A 56 -9.06 7.10 3.86
N ASN A 57 -7.89 7.15 3.22
CA ASN A 57 -7.70 8.05 2.09
C ASN A 57 -8.66 7.73 0.96
N LEU A 58 -8.84 6.44 0.66
CA LEU A 58 -9.78 6.01 -0.37
C LEU A 58 -11.17 6.56 -0.10
N GLU A 59 -11.68 6.36 1.13
CA GLU A 59 -13.05 6.79 1.45
C GLU A 59 -13.18 8.29 1.58
N ALA A 60 -12.07 9.00 1.80
CA ALA A 60 -12.05 10.45 1.80
C ALA A 60 -11.93 11.04 0.40
N TYR A 61 -12.09 10.22 -0.64
CA TYR A 61 -12.00 10.65 -2.03
C TYR A 61 -10.62 11.23 -2.36
N ARG A 62 -9.59 10.78 -1.65
CA ARG A 62 -8.23 11.23 -1.90
C ARG A 62 -7.54 10.50 -3.03
N TYR A 63 -8.12 9.42 -3.56
CA TYR A 63 -7.55 8.66 -4.67
C TYR A 63 -8.52 8.77 -5.85
N LEU A 64 -8.26 9.71 -6.76
CA LEU A 64 -9.15 9.94 -7.89
C LEU A 64 -8.54 9.46 -9.20
N ASN A 65 -7.38 8.81 -9.14
CA ASN A 65 -6.76 8.18 -10.31
C ASN A 65 -5.93 7.02 -9.79
N PHE A 66 -5.55 6.13 -10.72
CA PHE A 66 -4.87 4.94 -10.25
C PHE A 66 -3.50 5.26 -9.68
N ASP A 67 -2.80 6.25 -10.26
CA ASP A 67 -1.44 6.53 -9.85
C ASP A 67 -1.37 6.98 -8.39
N ASP A 68 -2.31 7.81 -7.94
CA ASP A 68 -2.22 8.25 -6.55
C ASP A 68 -2.43 7.10 -5.58
N PHE A 69 -3.28 6.14 -5.94
CA PHE A 69 -3.46 4.93 -5.14
C PHE A 69 -2.19 4.12 -5.11
N GLU A 70 -1.62 3.87 -6.29
CA GLU A 70 -0.41 3.07 -6.42
C GLU A 70 0.80 3.72 -5.74
N GLU A 71 0.87 5.07 -5.74
CA GLU A 71 1.98 5.74 -5.08
C GLU A 71 2.01 5.44 -3.58
N ASP A 72 0.85 5.42 -2.92
CA ASP A 72 0.84 5.13 -1.49
C ASP A 72 1.16 3.68 -1.21
N PHE A 73 0.72 2.77 -2.08
CA PHE A 73 1.15 1.38 -1.94
C PHE A 73 2.66 1.27 -2.04
N ASN A 74 3.24 1.93 -3.05
CA ASN A 74 4.70 1.90 -3.21
C ASN A 74 5.40 2.48 -1.99
N LEU A 75 4.76 3.46 -1.32
CA LEU A 75 5.30 4.03 -0.10
C LEU A 75 5.39 2.98 1.01
N ILE A 76 4.34 2.15 1.17
CA ILE A 76 4.41 1.06 2.14
C ILE A 76 5.66 0.23 1.90
N VAL A 77 5.87 -0.16 0.65
CA VAL A 77 7.02 -0.98 0.29
C VAL A 77 8.33 -0.23 0.53
N SER A 78 8.43 1.01 0.02
CA SER A 78 9.72 1.70 0.05
CA SER A 78 9.70 1.73 0.05
C SER A 78 10.11 2.10 1.47
N ASN A 79 9.15 2.51 2.30
CA ASN A 79 9.45 2.79 3.70
C ASN A 79 10.09 1.59 4.37
N CYS A 80 9.54 0.40 4.11
CA CYS A 80 9.99 -0.81 4.78
C CYS A 80 11.38 -1.22 4.31
N LEU A 81 11.64 -1.12 3.01
CA LEU A 81 12.99 -1.39 2.49
C LEU A 81 13.99 -0.40 3.06
N LYS A 82 13.59 0.86 3.24
CA LYS A 82 14.50 1.89 3.73
C LYS A 82 14.85 1.67 5.20
N TYR A 83 13.84 1.44 6.05
CA TYR A 83 14.09 1.43 7.49
C TYR A 83 14.83 0.18 7.94
N ASN A 84 14.54 -0.97 7.32
CA ASN A 84 14.96 -2.27 7.84
C ASN A 84 16.17 -2.81 7.10
N ALA A 85 17.06 -3.48 7.84
CA ALA A 85 18.22 -4.11 7.22
C ALA A 85 17.79 -5.21 6.27
N LYS A 86 18.64 -5.49 5.28
CA LYS A 86 18.30 -6.44 4.23
C LYS A 86 18.10 -7.85 4.78
N ASP A 87 18.74 -8.21 5.89
CA ASP A 87 18.69 -9.58 6.37
C ASP A 87 17.51 -9.85 7.30
N THR A 88 16.51 -8.98 7.33
CA THR A 88 15.37 -9.10 8.22
C THR A 88 14.18 -9.68 7.49
N ILE A 89 13.25 -10.26 8.27
CA ILE A 89 11.97 -10.68 7.73
C ILE A 89 11.23 -9.49 7.11
N PHE A 90 11.20 -8.36 7.81
CA PHE A 90 10.50 -7.16 7.32
C PHE A 90 10.97 -6.77 5.93
N TYR A 91 12.29 -6.73 5.72
CA TYR A 91 12.78 -6.31 4.42
C TYR A 91 12.31 -7.27 3.34
N ARG A 92 12.43 -8.58 3.58
CA ARG A 92 12.02 -9.56 2.57
C ARG A 92 10.51 -9.56 2.36
N ALA A 93 9.73 -9.28 3.41
CA ALA A 93 8.29 -9.16 3.26
C ALA A 93 7.94 -8.01 2.31
N ALA A 94 8.69 -6.91 2.39
CA ALA A 94 8.44 -5.79 1.48
C ALA A 94 8.79 -6.16 0.05
N VAL A 95 9.91 -6.88 -0.16
CA VAL A 95 10.24 -7.37 -1.49
C VAL A 95 9.12 -8.24 -2.03
N ARG A 96 8.62 -9.17 -1.22
CA ARG A 96 7.57 -10.08 -1.69
C ARG A 96 6.29 -9.32 -1.99
N LEU A 97 5.94 -8.34 -1.15
CA LEU A 97 4.77 -7.52 -1.42
C LEU A 97 4.94 -6.72 -2.71
N ARG A 98 6.13 -6.16 -2.92
CA ARG A 98 6.39 -5.44 -4.17
C ARG A 98 6.11 -6.32 -5.37
N GLU A 99 6.54 -7.59 -5.30
CA GLU A 99 6.41 -8.51 -6.42
C GLU A 99 4.95 -8.91 -6.60
N GLN A 100 4.31 -9.37 -5.53
CA GLN A 100 2.95 -9.89 -5.67
C GLN A 100 1.95 -8.76 -5.87
N GLY A 101 2.19 -7.61 -5.23
CA GLY A 101 1.29 -6.48 -5.40
C GLY A 101 1.37 -5.85 -6.77
N GLY A 102 2.56 -5.87 -7.39
CA GLY A 102 2.70 -5.33 -8.73
C GLY A 102 1.80 -6.02 -9.74
N ALA A 103 1.70 -7.36 -9.64
CA ALA A 103 0.79 -8.09 -10.50
C ALA A 103 -0.66 -7.71 -10.24
N VAL A 104 -1.05 -7.59 -8.96
CA VAL A 104 -2.41 -7.15 -8.61
C VAL A 104 -2.68 -5.79 -9.23
N LEU A 105 -1.73 -4.87 -9.12
CA LEU A 105 -1.96 -3.51 -9.58
C LEU A 105 -2.05 -3.43 -11.09
N ARG A 106 -1.25 -4.22 -11.81
N ARG A 106 -1.24 -4.22 -11.80
CA ARG A 106 -1.30 -4.19 -13.27
CA ARG A 106 -1.29 -4.21 -13.26
C ARG A 106 -2.66 -4.65 -13.78
C ARG A 106 -2.66 -4.65 -13.76
N GLN A 107 -3.21 -5.71 -13.17
CA GLN A 107 -4.52 -6.18 -13.60
C GLN A 107 -5.61 -5.17 -13.26
N ALA A 108 -5.52 -4.54 -12.08
CA ALA A 108 -6.53 -3.56 -11.70
C ALA A 108 -6.49 -2.36 -12.64
N ARG A 109 -5.30 -1.93 -13.04
CA ARG A 109 -5.19 -0.77 -13.92
C ARG A 109 -5.80 -1.08 -15.29
N ARG A 110 -5.59 -2.30 -15.78
CA ARG A 110 -6.24 -2.70 -17.03
C ARG A 110 -7.75 -2.62 -16.91
N GLN A 111 -8.30 -3.03 -15.76
CA GLN A 111 -9.74 -2.91 -15.54
C GLN A 111 -10.17 -1.44 -15.50
N ALA A 112 -9.38 -0.58 -14.87
CA ALA A 112 -9.72 0.84 -14.79
C ALA A 112 -9.71 1.49 -16.16
N GLU A 113 -8.72 1.14 -17.00
CA GLU A 113 -8.60 1.76 -18.32
C GLU A 113 -9.73 1.36 -19.26
N LYS A 114 -10.44 0.26 -18.96
CA LYS A 114 -11.65 -0.09 -19.68
C LYS A 114 -12.81 0.85 -19.37
N MET A 115 -12.72 1.65 -18.31
CA MET A 115 -13.80 2.53 -17.90
C MET A 115 -13.76 3.85 -18.67
#